data_1M0S
#
_entry.id   1M0S
#
_cell.length_a   42.826
_cell.length_b   96.737
_cell.length_c   122.050
_cell.angle_alpha   90.00
_cell.angle_beta   90.00
_cell.angle_gamma   90.00
#
_symmetry.space_group_name_H-M   'P 21 21 21'
#
loop_
_entity.id
_entity.type
_entity.pdbx_description
1 polymer 'Ribose-5-Phosphate Isomerase A'
2 non-polymer 'CITRIC ACID'
3 water water
#
_entity_poly.entity_id   1
_entity_poly.type   'polypeptide(L)'
_entity_poly.pdbx_seq_one_letter_code
;MNQLEMKKLAAQAALQYVKADRIVGVGSGSTVNCFIEALGTIKDKIQGAVAASKESEELLRKQGIEVFNANDVSSLDIYV
DGADEINPQKMMIKGGGAALTREKIVAALAKKFICIVDSSKQVDVLGSTFPLPVEVIPMARSQVGRKLAALGGSPEYREG
VVTDNGNVILDVHNFSILNPVEIEKELNNVAGVVTNGIFALRGADVVIVGTPEGAKVID
;
_entity_poly.pdbx_strand_id   A,B
#
loop_
_chem_comp.id
_chem_comp.type
_chem_comp.name
_chem_comp.formula
CIT non-polymer 'CITRIC ACID' 'C6 H8 O7'
#
# COMPACT_ATOMS: atom_id res chain seq x y z
N MET A 1 37.62 2.24 16.56
CA MET A 1 36.16 2.28 16.96
C MET A 1 35.32 1.37 16.07
N ASN A 2 34.47 0.55 16.70
CA ASN A 2 33.64 -0.38 15.95
C ASN A 2 32.29 0.25 15.60
N GLN A 3 31.54 -0.46 14.76
CA GLN A 3 30.25 0.03 14.29
C GLN A 3 29.24 0.31 15.43
N LEU A 4 29.16 -0.58 16.41
CA LEU A 4 28.21 -0.38 17.50
C LEU A 4 28.52 0.90 18.28
N GLU A 5 29.80 1.18 18.52
CA GLU A 5 30.17 2.41 19.21
C GLU A 5 29.71 3.63 18.42
N MET A 6 29.87 3.56 17.11
CA MET A 6 29.45 4.68 16.29
C MET A 6 27.93 4.90 16.34
N LYS A 7 27.17 3.80 16.35
CA LYS A 7 25.69 3.91 16.42
C LYS A 7 25.31 4.56 17.75
N LYS A 8 26.02 4.19 18.80
CA LYS A 8 25.75 4.73 20.12
C LYS A 8 26.04 6.23 20.17
N LEU A 9 27.09 6.66 19.48
CA LEU A 9 27.46 8.08 19.43
C LEU A 9 26.38 8.90 18.74
N ALA A 10 25.91 8.42 17.59
CA ALA A 10 24.85 9.13 16.86
C ALA A 10 23.57 9.18 17.69
N ALA A 11 23.21 8.07 18.33
CA ALA A 11 22.00 8.02 19.15
C ALA A 11 22.09 8.99 20.31
N GLN A 12 23.23 9.04 20.99
CA GLN A 12 23.40 9.99 22.08
C GLN A 12 23.25 11.41 21.57
N ALA A 13 23.86 11.73 20.43
CA ALA A 13 23.73 13.08 19.90
C ALA A 13 22.27 13.41 19.49
N ALA A 14 21.49 12.40 19.13
CA ALA A 14 20.10 12.67 18.75
C ALA A 14 19.30 13.25 19.93
N LEU A 15 19.65 12.90 21.16
CA LEU A 15 18.95 13.42 22.34
C LEU A 15 18.84 14.95 22.35
N GLN A 16 19.82 15.63 21.77
CA GLN A 16 19.82 17.08 21.71
C GLN A 16 18.59 17.64 20.99
N TYR A 17 17.94 16.81 20.17
CA TYR A 17 16.76 17.27 19.45
C TYR A 17 15.45 16.98 20.15
N VAL A 18 15.52 16.28 21.28
CA VAL A 18 14.31 15.90 22.01
C VAL A 18 13.80 17.07 22.84
N LYS A 19 12.55 17.42 22.60
CA LYS A 19 11.89 18.52 23.29
C LYS A 19 11.19 18.09 24.57
N ALA A 20 11.34 18.88 25.63
CA ALA A 20 10.72 18.56 26.91
C ALA A 20 9.20 18.39 26.80
N ASP A 21 8.69 17.40 27.53
CA ASP A 21 7.26 17.10 27.64
C ASP A 21 6.52 16.80 26.36
N ARG A 22 7.24 16.40 25.31
CA ARG A 22 6.61 16.11 24.04
C ARG A 22 6.70 14.61 23.68
N ILE A 23 5.92 14.17 22.71
CA ILE A 23 5.94 12.78 22.29
C ILE A 23 6.99 12.65 21.17
N VAL A 24 7.92 11.71 21.31
CA VAL A 24 9.01 11.49 20.35
C VAL A 24 8.65 10.41 19.32
N GLY A 25 8.99 10.65 18.05
CA GLY A 25 8.70 9.66 17.00
C GLY A 25 9.94 8.81 16.98
N VAL A 26 9.76 7.51 17.07
CA VAL A 26 10.87 6.56 17.12
C VAL A 26 10.77 5.51 16.00
N GLY A 27 11.89 5.28 15.32
CA GLY A 27 11.93 4.27 14.24
C GLY A 27 12.13 2.83 14.70
N SER A 28 12.97 2.09 13.97
CA SER A 28 13.18 0.69 14.32
C SER A 28 14.57 0.22 13.88
N GLY A 29 15.07 -0.85 14.51
CA GLY A 29 16.37 -1.37 14.11
C GLY A 29 17.44 -1.20 15.15
N SER A 30 18.62 -1.71 14.83
CA SER A 30 19.73 -1.72 15.76
C SER A 30 20.21 -0.32 16.22
N THR A 31 20.29 0.66 15.33
CA THR A 31 20.75 1.98 15.72
C THR A 31 19.67 2.65 16.60
N VAL A 32 18.43 2.49 16.19
CA VAL A 32 17.32 3.02 16.99
C VAL A 32 17.29 2.36 18.38
N ASN A 33 17.68 1.08 18.46
CA ASN A 33 17.65 0.43 19.78
C ASN A 33 18.64 1.12 20.69
N CYS A 34 19.74 1.58 20.12
CA CYS A 34 20.69 2.36 20.91
C CYS A 34 19.97 3.64 21.35
N PHE A 35 19.18 4.22 20.44
CA PHE A 35 18.44 5.45 20.78
C PHE A 35 17.39 5.22 21.85
N ILE A 36 16.74 4.06 21.83
CA ILE A 36 15.73 3.75 22.85
C ILE A 36 16.41 3.68 24.22
N GLU A 37 17.62 3.11 24.29
CA GLU A 37 18.33 3.09 25.58
C GLU A 37 18.66 4.53 26.01
N ALA A 38 19.14 5.34 25.07
CA ALA A 38 19.49 6.73 25.38
C ALA A 38 18.24 7.47 25.91
N LEU A 39 17.11 7.22 25.28
CA LEU A 39 15.87 7.85 25.68
C LEU A 39 15.49 7.47 27.13
N GLY A 40 15.66 6.19 27.48
CA GLY A 40 15.36 5.74 28.84
C GLY A 40 16.15 6.54 29.87
N THR A 41 17.29 7.04 29.42
CA THR A 41 18.23 7.82 30.20
C THR A 41 17.71 9.23 30.57
N ILE A 42 16.73 9.71 29.82
CA ILE A 42 16.16 11.03 30.07
C ILE A 42 14.65 10.92 30.00
N LYS A 43 14.09 9.76 30.32
CA LYS A 43 12.66 9.56 30.16
C LYS A 43 11.70 10.54 30.84
N ASP A 44 11.97 10.97 32.06
CA ASP A 44 11.02 11.88 32.69
C ASP A 44 10.91 13.21 31.90
N LYS A 45 11.85 13.46 31.01
CA LYS A 45 11.83 14.69 30.25
C LYS A 45 10.80 14.68 29.11
N ILE A 46 10.35 13.48 28.71
CA ILE A 46 9.39 13.36 27.60
C ILE A 46 8.01 12.88 28.01
N GLN A 47 7.03 13.13 27.16
CA GLN A 47 5.68 12.69 27.43
C GLN A 47 5.52 11.21 27.04
N GLY A 48 6.19 10.77 25.98
CA GLY A 48 6.03 9.38 25.58
C GLY A 48 6.61 9.23 24.18
N ALA A 49 6.23 8.20 23.44
CA ALA A 49 6.74 8.01 22.09
C ALA A 49 5.72 7.32 21.18
N VAL A 50 5.91 7.48 19.87
CA VAL A 50 5.07 6.80 18.86
C VAL A 50 6.15 6.02 18.12
N ALA A 51 5.99 4.71 17.97
CA ALA A 51 7.06 3.93 17.37
C ALA A 51 6.66 3.17 16.11
N ALA A 52 7.66 2.95 15.24
CA ALA A 52 7.45 2.29 13.95
C ALA A 52 7.49 0.76 13.90
N SER A 53 7.60 0.09 15.04
CA SER A 53 7.55 -1.38 15.02
C SER A 53 7.12 -1.85 16.38
N LYS A 54 6.49 -3.02 16.41
CA LYS A 54 6.04 -3.59 17.68
C LYS A 54 7.27 -3.90 18.55
N GLU A 55 8.41 -4.21 17.92
CA GLU A 55 9.64 -4.46 18.68
C GLU A 55 10.07 -3.14 19.40
N SER A 56 10.05 -2.03 18.68
CA SER A 56 10.44 -0.75 19.28
C SER A 56 9.46 -0.41 20.42
N GLU A 57 8.18 -0.70 20.18
CA GLU A 57 7.16 -0.44 21.20
C GLU A 57 7.48 -1.21 22.48
N GLU A 58 7.73 -2.51 22.34
CA GLU A 58 8.01 -3.32 23.53
C GLU A 58 9.27 -2.81 24.25
N LEU A 59 10.29 -2.44 23.50
CA LEU A 59 11.53 -1.94 24.12
C LEU A 59 11.34 -0.62 24.87
N LEU A 60 10.53 0.26 24.30
CA LEU A 60 10.25 1.56 24.90
C LEU A 60 9.51 1.38 26.22
N ARG A 61 8.52 0.49 26.22
CA ARG A 61 7.75 0.22 27.44
C ARG A 61 8.67 -0.41 28.48
N LYS A 62 9.62 -1.25 28.04
CA LYS A 62 10.58 -1.86 28.95
C LYS A 62 11.43 -0.75 29.62
N GLN A 63 11.58 0.38 28.94
CA GLN A 63 12.34 1.50 29.46
C GLN A 63 11.48 2.39 30.37
N GLY A 64 10.20 2.04 30.49
CA GLY A 64 9.31 2.86 31.30
C GLY A 64 8.76 4.07 30.55
N ILE A 65 8.85 4.07 29.21
CA ILE A 65 8.33 5.18 28.39
C ILE A 65 6.95 4.80 27.82
N GLU A 66 5.96 5.68 27.97
CA GLU A 66 4.63 5.37 27.47
C GLU A 66 4.57 5.42 25.95
N VAL A 67 3.92 4.42 25.38
CA VAL A 67 3.78 4.35 23.94
C VAL A 67 2.38 4.78 23.54
N PHE A 68 2.31 5.74 22.63
CA PHE A 68 1.06 6.24 22.10
C PHE A 68 0.87 5.72 20.67
N ASN A 69 -0.39 5.61 20.25
CA ASN A 69 -0.71 5.18 18.89
C ASN A 69 -0.57 6.41 17.99
N ALA A 70 -0.15 6.21 16.75
CA ALA A 70 -0.01 7.33 15.81
C ALA A 70 -1.35 8.10 15.72
N ASN A 71 -2.45 7.37 15.79
CA ASN A 71 -3.78 7.97 15.68
C ASN A 71 -4.11 8.96 16.81
N ASP A 72 -3.33 8.95 17.89
CA ASP A 72 -3.60 9.84 19.02
C ASP A 72 -2.88 11.18 18.90
N VAL A 73 -2.06 11.36 17.88
CA VAL A 73 -1.37 12.63 17.74
C VAL A 73 -1.69 13.24 16.38
N SER A 74 -1.66 14.57 16.28
CA SER A 74 -1.94 15.24 15.00
C SER A 74 -0.62 15.53 14.32
N SER A 75 0.46 15.35 15.08
CA SER A 75 1.79 15.53 14.54
C SER A 75 2.86 15.24 15.60
N LEU A 76 4.12 15.14 15.15
CA LEU A 76 5.25 14.90 16.02
C LEU A 76 6.32 15.91 15.68
N ASP A 77 7.07 16.36 16.69
CA ASP A 77 8.13 17.32 16.42
C ASP A 77 9.26 16.64 15.69
N ILE A 78 9.64 15.46 16.15
CA ILE A 78 10.73 14.73 15.49
C ILE A 78 10.46 13.25 15.33
N TYR A 79 11.18 12.63 14.39
CA TYR A 79 11.10 11.20 14.17
C TYR A 79 12.58 10.81 14.01
N VAL A 80 13.06 9.92 14.87
CA VAL A 80 14.46 9.47 14.86
C VAL A 80 14.52 8.03 14.35
N ASP A 81 15.32 7.78 13.31
CA ASP A 81 15.38 6.42 12.76
C ASP A 81 16.73 6.21 12.05
N GLY A 82 17.10 4.95 11.83
CA GLY A 82 18.35 4.70 11.14
C GLY A 82 18.07 4.51 9.68
N ALA A 83 19.04 4.03 8.91
CA ALA A 83 18.81 3.77 7.48
C ALA A 83 19.88 2.78 6.99
N ASP A 84 19.63 2.13 5.87
CA ASP A 84 20.61 1.19 5.36
C ASP A 84 21.63 1.92 4.48
N GLU A 85 21.19 2.99 3.83
CA GLU A 85 22.09 3.83 3.02
C GLU A 85 21.50 5.23 3.06
N ILE A 86 22.36 6.24 2.93
CA ILE A 86 21.90 7.61 2.88
C ILE A 86 22.88 8.37 2.01
N ASN A 87 22.36 9.10 1.03
CA ASN A 87 23.24 9.85 0.15
C ASN A 87 23.41 11.29 0.61
N PRO A 88 24.35 12.03 -0.03
CA PRO A 88 24.57 13.42 0.38
C PRO A 88 23.32 14.28 0.28
N GLN A 89 22.36 13.90 -0.56
CA GLN A 89 21.12 14.67 -0.62
C GLN A 89 20.13 14.29 0.47
N LYS A 90 20.56 13.47 1.44
CA LYS A 90 19.74 13.01 2.57
C LYS A 90 18.60 12.07 2.22
N MET A 91 18.67 11.47 1.03
CA MET A 91 17.69 10.48 0.58
C MET A 91 18.20 9.14 1.16
N MET A 92 17.29 8.25 1.51
CA MET A 92 17.67 6.98 2.13
C MET A 92 17.05 5.72 1.54
N ILE A 93 17.69 4.61 1.87
CA ILE A 93 17.18 3.30 1.54
C ILE A 93 16.98 2.71 2.93
N LYS A 94 15.77 2.25 3.20
CA LYS A 94 15.40 1.64 4.46
C LYS A 94 14.66 0.33 4.21
N GLY A 95 14.51 -0.45 5.28
CA GLY A 95 13.80 -1.70 5.17
C GLY A 95 14.61 -2.93 5.48
N GLY A 96 15.92 -2.77 5.72
CA GLY A 96 16.72 -3.94 6.08
C GLY A 96 16.06 -4.62 7.29
N GLY A 97 15.56 -3.80 8.23
CA GLY A 97 14.92 -4.29 9.44
C GLY A 97 13.44 -4.65 9.26
N ALA A 98 12.98 -4.62 8.01
CA ALA A 98 11.60 -4.95 7.64
C ALA A 98 10.46 -4.13 8.25
N ALA A 99 10.74 -2.90 8.69
CA ALA A 99 9.70 -2.05 9.29
C ALA A 99 9.40 -0.80 8.46
N LEU A 100 9.83 -0.79 7.20
CA LEU A 100 9.66 0.37 6.34
C LEU A 100 8.23 0.95 6.20
N THR A 101 7.20 0.13 6.26
CA THR A 101 5.85 0.66 6.10
C THR A 101 5.47 1.58 7.26
N ARG A 102 5.60 1.09 8.49
CA ARG A 102 5.24 1.99 9.61
C ARG A 102 6.27 3.11 9.75
N GLU A 103 7.49 2.89 9.29
CA GLU A 103 8.50 3.95 9.38
C GLU A 103 8.06 5.10 8.45
N LYS A 104 7.59 4.78 7.25
CA LYS A 104 7.17 5.87 6.36
C LYS A 104 5.94 6.60 6.94
N ILE A 105 5.08 5.85 7.60
CA ILE A 105 3.88 6.43 8.20
C ILE A 105 4.24 7.35 9.38
N VAL A 106 5.11 6.90 10.27
CA VAL A 106 5.46 7.78 11.38
C VAL A 106 6.25 9.02 10.90
N ALA A 107 7.14 8.82 9.94
CA ALA A 107 7.93 9.92 9.40
C ALA A 107 7.03 11.01 8.81
N ALA A 108 5.92 10.59 8.21
CA ALA A 108 4.96 11.52 7.61
C ALA A 108 4.31 12.40 8.69
N LEU A 109 4.25 11.92 9.92
CA LEU A 109 3.66 12.71 11.03
C LEU A 109 4.62 13.73 11.62
N ALA A 110 5.91 13.53 11.40
CA ALA A 110 6.91 14.37 12.02
C ALA A 110 7.36 15.53 11.20
N LYS A 111 7.66 16.63 11.91
CA LYS A 111 8.16 17.85 11.28
C LYS A 111 9.61 17.70 10.87
N LYS A 112 10.41 17.07 11.73
CA LYS A 112 11.83 16.90 11.48
C LYS A 112 12.28 15.43 11.52
N PHE A 113 12.78 14.95 10.39
CA PHE A 113 13.25 13.56 10.28
C PHE A 113 14.74 13.56 10.63
N ILE A 114 15.09 12.89 11.72
CA ILE A 114 16.49 12.80 12.15
C ILE A 114 16.98 11.39 11.90
N CYS A 115 17.83 11.25 10.90
CA CYS A 115 18.36 9.95 10.57
C CYS A 115 19.68 9.80 11.34
N ILE A 116 19.81 8.72 12.10
CA ILE A 116 21.04 8.46 12.87
C ILE A 116 21.69 7.24 12.24
N VAL A 117 22.98 7.39 11.98
CA VAL A 117 23.68 6.36 11.23
C VAL A 117 25.19 6.23 11.59
N ASP A 118 25.77 5.04 11.42
CA ASP A 118 27.20 4.88 11.62
C ASP A 118 27.81 5.32 10.27
N SER A 119 29.09 5.62 10.25
CA SER A 119 29.75 6.10 9.04
C SER A 119 29.59 5.23 7.78
N SER A 120 29.52 3.92 7.94
CA SER A 120 29.41 3.02 6.80
C SER A 120 28.13 3.12 5.96
N LYS A 121 27.10 3.80 6.47
CA LYS A 121 25.84 3.93 5.78
C LYS A 121 25.83 5.05 4.74
N GLN A 122 26.85 5.89 4.74
CA GLN A 122 26.92 6.98 3.79
C GLN A 122 27.40 6.49 2.42
N VAL A 123 26.54 6.63 1.41
CA VAL A 123 26.88 6.23 0.05
C VAL A 123 26.55 7.33 -0.95
N ASP A 124 27.24 7.34 -2.09
CA ASP A 124 26.98 8.35 -3.10
C ASP A 124 25.84 7.93 -4.02
N VAL A 125 25.74 6.65 -4.28
CA VAL A 125 24.68 6.15 -5.16
C VAL A 125 23.79 5.17 -4.42
N LEU A 126 22.52 5.51 -4.25
CA LEU A 126 21.61 4.61 -3.53
C LEU A 126 21.47 3.29 -4.30
N GLY A 127 21.38 2.18 -3.57
CA GLY A 127 21.20 0.89 -4.23
C GLY A 127 22.47 0.21 -4.69
N SER A 128 23.61 0.91 -4.61
CA SER A 128 24.87 0.32 -5.03
C SER A 128 25.40 -0.71 -4.02
N THR A 129 25.19 -0.48 -2.73
CA THR A 129 25.70 -1.38 -1.71
C THR A 129 24.62 -2.14 -0.93
N PHE A 130 23.36 -1.97 -1.29
CA PHE A 130 22.30 -2.60 -0.53
C PHE A 130 21.12 -2.78 -1.44
N PRO A 131 20.50 -3.98 -1.43
CA PRO A 131 19.33 -4.28 -2.29
C PRO A 131 18.09 -3.57 -1.77
N LEU A 132 17.27 -3.05 -2.69
CA LEU A 132 16.08 -2.30 -2.28
C LEU A 132 14.97 -3.16 -1.67
N PRO A 133 14.57 -2.85 -0.41
CA PRO A 133 13.50 -3.66 0.15
C PRO A 133 12.15 -3.16 -0.35
N VAL A 134 11.27 -4.09 -0.70
CA VAL A 134 9.93 -3.75 -1.15
C VAL A 134 8.93 -4.60 -0.37
N GLU A 135 8.03 -3.96 0.36
CA GLU A 135 6.99 -4.73 1.08
C GLU A 135 5.84 -5.00 0.12
N VAL A 136 5.43 -6.25 0.06
CA VAL A 136 4.40 -6.70 -0.88
C VAL A 136 3.23 -7.53 -0.28
N ILE A 137 2.00 -7.25 -0.73
CA ILE A 137 0.83 -8.04 -0.32
C ILE A 137 1.21 -9.46 -0.74
N PRO A 138 1.05 -10.44 0.15
CA PRO A 138 1.43 -11.80 -0.22
C PRO A 138 0.91 -12.37 -1.53
N MET A 139 -0.37 -12.18 -1.82
CA MET A 139 -0.92 -12.75 -3.07
C MET A 139 -0.36 -12.05 -4.32
N ALA A 140 0.29 -10.91 -4.14
CA ALA A 140 0.90 -10.15 -5.25
C ALA A 140 2.41 -10.41 -5.45
N ARG A 141 3.01 -11.24 -4.60
CA ARG A 141 4.43 -11.56 -4.67
C ARG A 141 5.03 -11.85 -6.05
N SER A 142 4.44 -12.76 -6.81
CA SER A 142 5.01 -13.08 -8.14
C SER A 142 4.92 -11.97 -9.16
N GLN A 143 3.75 -11.35 -9.28
CA GLN A 143 3.60 -10.28 -10.25
C GLN A 143 4.45 -9.06 -9.91
N VAL A 144 4.64 -8.73 -8.62
CA VAL A 144 5.51 -7.60 -8.28
C VAL A 144 6.96 -8.01 -8.61
N GLY A 145 7.32 -9.27 -8.38
CA GLY A 145 8.65 -9.73 -8.72
C GLY A 145 8.87 -9.59 -10.23
N ARG A 146 7.86 -9.92 -11.02
CA ARG A 146 7.97 -9.76 -12.49
C ARG A 146 8.18 -8.28 -12.90
N LYS A 147 7.47 -7.38 -12.23
CA LYS A 147 7.63 -5.96 -12.53
C LYS A 147 9.02 -5.47 -12.16
N LEU A 148 9.52 -5.91 -11.01
CA LEU A 148 10.84 -5.51 -10.55
C LEU A 148 11.94 -6.00 -11.49
N ALA A 149 11.75 -7.18 -12.05
CA ALA A 149 12.71 -7.75 -13.00
C ALA A 149 12.62 -6.95 -14.32
N ALA A 150 11.40 -6.60 -14.74
CA ALA A 150 11.22 -5.80 -15.97
C ALA A 150 11.93 -4.46 -15.80
N LEU A 151 11.97 -3.95 -14.56
CA LEU A 151 12.63 -2.69 -14.26
C LEU A 151 14.15 -2.82 -14.23
N GLY A 152 14.66 -4.04 -14.38
CA GLY A 152 16.10 -4.25 -14.40
C GLY A 152 16.67 -4.84 -13.12
N GLY A 153 15.84 -5.09 -12.12
CA GLY A 153 16.35 -5.67 -10.89
C GLY A 153 16.30 -7.20 -10.80
N SER A 154 16.86 -7.76 -9.73
CA SER A 154 16.82 -9.20 -9.50
C SER A 154 16.16 -9.35 -8.11
N PRO A 155 14.83 -9.40 -8.09
CA PRO A 155 14.08 -9.53 -6.83
C PRO A 155 14.28 -10.86 -6.13
N GLU A 156 14.40 -10.83 -4.81
CA GLU A 156 14.57 -12.08 -4.07
C GLU A 156 13.66 -12.06 -2.85
N TYR A 157 12.80 -13.05 -2.71
CA TYR A 157 11.88 -13.13 -1.56
C TYR A 157 12.65 -13.47 -0.28
N ARG A 158 12.35 -12.70 0.77
CA ARG A 158 13.00 -12.88 2.06
C ARG A 158 12.30 -14.03 2.79
N GLU A 159 12.91 -15.21 2.68
CA GLU A 159 12.40 -16.46 3.21
C GLU A 159 11.84 -16.53 4.64
N GLY A 160 10.54 -16.79 4.74
CA GLY A 160 9.89 -16.92 6.04
C GLY A 160 9.59 -15.64 6.80
N VAL A 161 10.05 -14.50 6.28
CA VAL A 161 9.85 -13.24 6.97
C VAL A 161 8.47 -12.65 6.71
N VAL A 162 7.87 -12.12 7.77
CA VAL A 162 6.57 -11.49 7.71
C VAL A 162 6.73 -10.14 8.45
N THR A 163 6.17 -9.05 7.93
CA THR A 163 6.24 -7.75 8.61
C THR A 163 5.13 -7.64 9.66
N ASP A 164 5.21 -6.60 10.51
CA ASP A 164 4.18 -6.33 11.54
C ASP A 164 2.81 -6.15 10.88
N ASN A 165 2.80 -5.94 9.56
CA ASN A 165 1.55 -5.71 8.84
C ASN A 165 1.03 -6.95 8.11
N GLY A 166 1.77 -8.07 8.22
CA GLY A 166 1.40 -9.33 7.62
C GLY A 166 1.86 -9.51 6.17
N ASN A 167 2.80 -8.70 5.72
CA ASN A 167 3.25 -8.80 4.32
C ASN A 167 4.61 -9.43 4.15
N VAL A 168 4.98 -9.74 2.90
CA VAL A 168 6.31 -10.29 2.65
C VAL A 168 7.27 -9.17 2.14
N ILE A 169 8.56 -9.45 2.07
CA ILE A 169 9.53 -8.48 1.58
C ILE A 169 10.32 -9.12 0.43
N LEU A 170 10.50 -8.34 -0.62
CA LEU A 170 11.30 -8.75 -1.78
C LEU A 170 12.44 -7.75 -1.74
N ASP A 171 13.68 -8.24 -1.79
CA ASP A 171 14.85 -7.36 -1.79
C ASP A 171 15.37 -7.36 -3.22
N VAL A 172 15.54 -6.17 -3.79
CA VAL A 172 15.96 -6.07 -5.18
C VAL A 172 17.43 -5.85 -5.39
N HIS A 173 18.07 -6.89 -5.94
CA HIS A 173 19.50 -6.89 -6.20
C HIS A 173 19.76 -6.35 -7.61
N ASN A 174 20.99 -5.93 -7.88
CA ASN A 174 21.38 -5.39 -9.19
C ASN A 174 20.46 -4.28 -9.60
N PHE A 175 20.24 -3.34 -8.69
CA PHE A 175 19.30 -2.27 -8.92
C PHE A 175 19.85 -0.96 -8.34
N SER A 176 20.84 -0.38 -9.02
CA SER A 176 21.39 0.90 -8.57
C SER A 176 20.26 1.89 -8.84
N ILE A 177 20.07 2.85 -7.94
CA ILE A 177 18.98 3.78 -8.08
C ILE A 177 19.47 5.19 -8.33
N LEU A 178 19.67 5.49 -9.61
CA LEU A 178 20.13 6.81 -10.01
C LEU A 178 19.14 7.95 -9.78
N ASN A 179 17.85 7.65 -9.82
CA ASN A 179 16.79 8.65 -9.69
C ASN A 179 15.79 8.16 -8.66
N PRO A 180 16.14 8.31 -7.39
CA PRO A 180 15.32 7.88 -6.26
C PRO A 180 13.88 8.37 -6.20
N VAL A 181 13.66 9.67 -6.35
CA VAL A 181 12.29 10.18 -6.26
C VAL A 181 11.46 9.54 -7.37
N GLU A 182 12.01 9.52 -8.58
CA GLU A 182 11.29 8.90 -9.69
C GLU A 182 10.94 7.42 -9.46
N ILE A 183 11.88 6.64 -8.96
CA ILE A 183 11.60 5.23 -8.73
C ILE A 183 10.63 5.07 -7.56
N GLU A 184 10.77 5.88 -6.51
CA GLU A 184 9.88 5.75 -5.37
C GLU A 184 8.46 5.91 -5.85
N LYS A 185 8.19 6.97 -6.61
CA LYS A 185 6.84 7.21 -7.09
C LYS A 185 6.34 6.11 -8.01
N GLU A 186 7.22 5.68 -8.92
CA GLU A 186 6.83 4.63 -9.86
C GLU A 186 6.38 3.35 -9.11
N LEU A 187 7.20 2.90 -8.17
CA LEU A 187 6.84 1.73 -7.39
C LEU A 187 5.57 1.95 -6.60
N ASN A 188 5.31 3.19 -6.20
CA ASN A 188 4.10 3.51 -5.43
C ASN A 188 2.81 3.25 -6.22
N ASN A 189 2.95 3.18 -7.56
CA ASN A 189 1.77 2.94 -8.39
C ASN A 189 1.65 1.50 -8.87
N VAL A 190 2.52 0.61 -8.38
CA VAL A 190 2.44 -0.80 -8.74
C VAL A 190 1.47 -1.57 -7.81
N ALA A 191 0.43 -2.17 -8.38
CA ALA A 191 -0.53 -2.92 -7.55
C ALA A 191 0.18 -4.04 -6.78
N GLY A 192 -0.05 -4.09 -5.47
CA GLY A 192 0.57 -5.13 -4.66
C GLY A 192 1.75 -4.63 -3.83
N VAL A 193 2.33 -3.50 -4.23
CA VAL A 193 3.41 -2.93 -3.46
C VAL A 193 2.77 -2.13 -2.34
N VAL A 194 3.12 -2.44 -1.11
CA VAL A 194 2.59 -1.71 0.03
C VAL A 194 3.49 -0.50 0.24
N THR A 195 4.79 -0.73 0.35
CA THR A 195 5.74 0.37 0.52
C THR A 195 7.06 -0.06 -0.08
N ASN A 196 7.85 0.90 -0.57
CA ASN A 196 9.18 0.57 -1.05
C ASN A 196 10.15 1.33 -0.16
N GLY A 197 11.36 0.78 -0.04
CA GLY A 197 12.39 1.33 0.81
C GLY A 197 13.07 2.64 0.45
N ILE A 198 12.67 3.30 -0.63
CA ILE A 198 13.29 4.59 -0.94
C ILE A 198 12.53 5.68 -0.16
N PHE A 199 13.26 6.43 0.66
CA PHE A 199 12.68 7.54 1.41
C PHE A 199 13.34 8.74 0.74
N ALA A 200 12.72 9.22 -0.34
CA ALA A 200 13.27 10.33 -1.13
C ALA A 200 12.25 11.47 -1.29
N LEU A 201 10.97 11.14 -1.46
CA LEU A 201 9.94 12.17 -1.57
C LEU A 201 10.00 12.96 -0.27
N ARG A 202 10.26 12.25 0.81
CA ARG A 202 10.43 12.92 2.12
C ARG A 202 11.66 12.28 2.72
N GLY A 203 12.80 12.94 2.54
CA GLY A 203 14.06 12.42 3.07
C GLY A 203 14.36 12.93 4.48
N ALA A 204 15.59 12.74 4.93
CA ALA A 204 15.94 13.21 6.27
C ALA A 204 16.16 14.73 6.29
N ASP A 205 15.82 15.35 7.43
CA ASP A 205 16.03 16.77 7.63
C ASP A 205 17.38 17.00 8.29
N VAL A 206 17.74 16.09 9.20
CA VAL A 206 19.01 16.13 9.95
C VAL A 206 19.67 14.76 9.87
N VAL A 207 20.98 14.73 9.66
CA VAL A 207 21.71 13.47 9.58
C VAL A 207 22.77 13.46 10.67
N ILE A 208 22.72 12.47 11.54
CA ILE A 208 23.71 12.36 12.61
C ILE A 208 24.56 11.13 12.35
N VAL A 209 25.86 11.36 12.11
CA VAL A 209 26.75 10.26 11.80
C VAL A 209 27.79 9.99 12.88
N GLY A 210 27.83 8.74 13.32
CA GLY A 210 28.80 8.34 14.34
C GLY A 210 30.11 8.08 13.59
N THR A 211 31.17 8.78 13.98
CA THR A 211 32.48 8.63 13.34
C THR A 211 33.51 8.41 14.44
N PRO A 212 34.73 8.01 14.08
CA PRO A 212 35.77 7.79 15.10
C PRO A 212 36.12 9.09 15.83
N GLU A 213 35.79 10.23 15.24
CA GLU A 213 36.07 11.52 15.84
C GLU A 213 34.83 12.05 16.56
N GLY A 214 33.83 11.18 16.74
CA GLY A 214 32.60 11.60 17.41
C GLY A 214 31.43 11.77 16.47
N ALA A 215 30.27 12.12 17.02
CA ALA A 215 29.06 12.32 16.20
C ALA A 215 29.11 13.59 15.38
N LYS A 216 28.79 13.48 14.10
CA LYS A 216 28.80 14.65 13.26
C LYS A 216 27.43 14.93 12.74
N VAL A 217 26.94 16.14 13.04
CA VAL A 217 25.63 16.56 12.61
C VAL A 217 25.62 17.34 11.31
N ILE A 218 24.78 16.90 10.39
CA ILE A 218 24.59 17.55 9.11
C ILE A 218 23.16 18.05 9.25
N ASP A 219 23.02 19.35 9.50
CA ASP A 219 21.71 19.96 9.75
C ASP A 219 21.34 21.06 8.78
N MET B 1 -37.13 -3.09 -15.69
CA MET B 1 -36.59 -4.09 -14.72
C MET B 1 -35.78 -3.38 -13.62
N ASN B 2 -35.56 -4.07 -12.50
CA ASN B 2 -34.78 -3.49 -11.43
C ASN B 2 -33.28 -3.77 -11.65
N GLN B 3 -32.46 -3.19 -10.78
CA GLN B 3 -31.03 -3.35 -10.91
C GLN B 3 -30.52 -4.79 -10.76
N LEU B 4 -31.19 -5.61 -9.95
CA LEU B 4 -30.76 -7.00 -9.79
C LEU B 4 -30.87 -7.74 -11.12
N GLU B 5 -31.97 -7.52 -11.84
CA GLU B 5 -32.16 -8.17 -13.12
C GLU B 5 -31.15 -7.60 -14.13
N MET B 6 -30.86 -6.31 -14.06
CA MET B 6 -29.86 -5.74 -14.99
C MET B 6 -28.48 -6.33 -14.69
N LYS B 7 -28.18 -6.56 -13.41
CA LYS B 7 -26.91 -7.18 -13.02
C LYS B 7 -26.81 -8.60 -13.64
N LYS B 8 -27.90 -9.36 -13.57
CA LYS B 8 -27.88 -10.71 -14.12
C LYS B 8 -27.71 -10.69 -15.63
N LEU B 9 -28.31 -9.70 -16.30
CA LEU B 9 -28.13 -9.61 -17.75
C LEU B 9 -26.66 -9.35 -18.13
N ALA B 10 -26.03 -8.41 -17.42
CA ALA B 10 -24.62 -8.09 -17.69
C ALA B 10 -23.74 -9.32 -17.41
N ALA B 11 -24.00 -9.99 -16.28
CA ALA B 11 -23.22 -11.17 -15.94
C ALA B 11 -23.35 -12.26 -17.02
N GLN B 12 -24.57 -12.48 -17.50
CA GLN B 12 -24.81 -13.52 -18.50
C GLN B 12 -24.06 -13.18 -19.79
N ALA B 13 -24.10 -11.92 -20.17
CA ALA B 13 -23.41 -11.46 -21.36
C ALA B 13 -21.86 -11.62 -21.23
N ALA B 14 -21.31 -11.50 -20.01
CA ALA B 14 -19.86 -11.64 -19.81
C ALA B 14 -19.37 -13.06 -20.15
N LEU B 15 -20.27 -14.03 -20.04
CA LEU B 15 -19.93 -15.41 -20.35
C LEU B 15 -19.31 -15.57 -21.74
N GLN B 16 -19.79 -14.82 -22.72
CA GLN B 16 -19.24 -14.92 -24.07
C GLN B 16 -17.73 -14.64 -24.15
N TYR B 17 -17.17 -14.06 -23.10
CA TYR B 17 -15.74 -13.74 -23.08
C TYR B 17 -14.92 -14.85 -22.44
N VAL B 18 -15.60 -15.79 -21.81
CA VAL B 18 -14.96 -16.90 -21.14
C VAL B 18 -14.68 -17.99 -22.18
N LYS B 19 -13.42 -18.34 -22.35
CA LYS B 19 -13.03 -19.35 -23.33
C LYS B 19 -12.61 -20.63 -22.61
N ALA B 20 -12.74 -21.77 -23.30
CA ALA B 20 -12.40 -23.04 -22.68
C ALA B 20 -10.94 -23.22 -22.25
N ASP B 21 -10.76 -24.03 -21.21
CA ASP B 21 -9.44 -24.35 -20.69
C ASP B 21 -8.63 -23.15 -20.25
N ARG B 22 -9.27 -22.15 -19.67
CA ARG B 22 -8.54 -20.99 -19.21
C ARG B 22 -8.94 -20.66 -17.80
N ILE B 23 -8.03 -19.98 -17.09
CA ILE B 23 -8.28 -19.55 -15.73
C ILE B 23 -8.86 -18.13 -15.87
N VAL B 24 -10.03 -17.94 -15.26
CA VAL B 24 -10.79 -16.68 -15.31
C VAL B 24 -10.50 -15.78 -14.10
N GLY B 25 -10.27 -14.49 -14.32
CA GLY B 25 -10.04 -13.63 -13.18
C GLY B 25 -11.41 -13.14 -12.75
N VAL B 26 -11.74 -13.21 -11.46
CA VAL B 26 -13.06 -12.72 -11.06
C VAL B 26 -12.97 -11.79 -9.88
N GLY B 27 -13.81 -10.76 -9.91
CA GLY B 27 -13.79 -9.74 -8.89
C GLY B 27 -14.56 -10.09 -7.64
N SER B 28 -15.28 -9.11 -7.12
CA SER B 28 -16.04 -9.28 -5.90
C SER B 28 -17.25 -8.34 -5.95
N GLY B 29 -18.26 -8.62 -5.13
CA GLY B 29 -19.42 -7.75 -5.15
C GLY B 29 -20.68 -8.38 -5.67
N SER B 30 -21.80 -7.67 -5.51
CA SER B 30 -23.09 -8.21 -5.90
C SER B 30 -23.22 -8.56 -7.37
N THR B 31 -22.64 -7.74 -8.25
CA THR B 31 -22.76 -8.04 -9.66
C THR B 31 -21.90 -9.24 -10.02
N VAL B 32 -20.69 -9.33 -9.46
CA VAL B 32 -19.81 -10.47 -9.73
C VAL B 32 -20.44 -11.74 -9.17
N ASN B 33 -21.19 -11.61 -8.08
CA ASN B 33 -21.84 -12.80 -7.51
C ASN B 33 -22.83 -13.36 -8.52
N CYS B 34 -23.42 -12.51 -9.36
CA CYS B 34 -24.33 -12.99 -10.38
C CYS B 34 -23.46 -13.66 -11.43
N PHE B 35 -22.26 -13.12 -11.65
CA PHE B 35 -21.37 -13.72 -12.64
C PHE B 35 -20.85 -15.09 -12.20
N ILE B 36 -20.56 -15.22 -10.89
CA ILE B 36 -20.06 -16.51 -10.33
C ILE B 36 -21.14 -17.57 -10.52
N GLU B 37 -22.40 -17.18 -10.31
CA GLU B 37 -23.47 -18.12 -10.52
C GLU B 37 -23.48 -18.51 -12.00
N ALA B 38 -23.26 -17.55 -12.89
CA ALA B 38 -23.25 -17.86 -14.33
C ALA B 38 -22.11 -18.81 -14.70
N LEU B 39 -20.96 -18.58 -14.10
CA LEU B 39 -19.77 -19.40 -14.31
C LEU B 39 -20.04 -20.85 -13.95
N GLY B 40 -20.77 -21.05 -12.85
CA GLY B 40 -21.10 -22.41 -12.43
C GLY B 40 -21.77 -23.15 -13.58
N THR B 41 -22.57 -22.39 -14.33
CA THR B 41 -23.30 -22.88 -15.47
C THR B 41 -22.46 -23.46 -16.61
N ILE B 42 -21.19 -23.08 -16.69
CA ILE B 42 -20.29 -23.58 -17.72
C ILE B 42 -19.03 -24.14 -17.08
N LYS B 43 -19.18 -24.39 -15.77
CA LYS B 43 -18.17 -24.95 -14.89
C LYS B 43 -17.10 -25.81 -15.57
N ASP B 44 -17.52 -26.90 -16.20
CA ASP B 44 -16.58 -27.83 -16.84
C ASP B 44 -15.82 -27.32 -18.06
N LYS B 45 -16.20 -26.17 -18.60
CA LYS B 45 -15.51 -25.62 -19.77
C LYS B 45 -14.22 -24.91 -19.34
N ILE B 46 -14.22 -24.41 -18.11
CA ILE B 46 -13.07 -23.66 -17.60
C ILE B 46 -12.07 -24.43 -16.74
N GLN B 47 -10.86 -23.89 -16.65
CA GLN B 47 -9.84 -24.50 -15.87
C GLN B 47 -9.95 -24.13 -14.39
N GLY B 48 -10.40 -22.92 -14.10
CA GLY B 48 -10.51 -22.48 -12.71
C GLY B 48 -10.62 -20.96 -12.64
N ALA B 49 -10.35 -20.37 -11.49
CA ALA B 49 -10.44 -18.91 -11.37
C ALA B 49 -9.47 -18.33 -10.36
N VAL B 50 -9.14 -17.04 -10.52
CA VAL B 50 -8.32 -16.35 -9.55
C VAL B 50 -9.31 -15.29 -9.03
N ALA B 51 -9.54 -15.24 -7.73
CA ALA B 51 -10.56 -14.31 -7.21
C ALA B 51 -10.02 -13.14 -6.38
N ALA B 52 -10.74 -12.02 -6.42
CA ALA B 52 -10.34 -10.81 -5.71
C ALA B 52 -10.86 -10.68 -4.27
N SER B 53 -11.48 -11.74 -3.73
CA SER B 53 -11.89 -11.65 -2.32
C SER B 53 -12.13 -13.03 -1.75
N LYS B 54 -12.00 -13.14 -0.43
CA LYS B 54 -12.23 -14.40 0.24
C LYS B 54 -13.69 -14.79 -0.01
N GLU B 55 -14.58 -13.81 -0.02
CA GLU B 55 -15.98 -14.12 -0.27
C GLU B 55 -16.17 -14.68 -1.69
N SER B 56 -15.53 -14.07 -2.70
CA SER B 56 -15.66 -14.62 -4.06
C SER B 56 -15.07 -16.03 -4.09
N GLU B 57 -13.94 -16.21 -3.40
CA GLU B 57 -13.30 -17.53 -3.36
C GLU B 57 -14.25 -18.59 -2.86
N GLU B 58 -14.92 -18.28 -1.75
CA GLU B 58 -15.87 -19.21 -1.17
C GLU B 58 -17.04 -19.53 -2.09
N LEU B 59 -17.61 -18.51 -2.73
CA LEU B 59 -18.74 -18.72 -3.65
C LEU B 59 -18.31 -19.57 -4.84
N LEU B 60 -17.08 -19.35 -5.31
CA LEU B 60 -16.56 -20.10 -6.44
C LEU B 60 -16.40 -21.57 -6.10
N ARG B 61 -15.88 -21.83 -4.92
CA ARG B 61 -15.68 -23.21 -4.51
C ARG B 61 -17.03 -23.89 -4.41
N LYS B 62 -18.03 -23.18 -3.87
CA LYS B 62 -19.35 -23.75 -3.74
C LYS B 62 -20.01 -24.05 -5.09
N GLN B 63 -19.48 -23.44 -6.15
CA GLN B 63 -19.97 -23.68 -7.51
C GLN B 63 -19.20 -24.83 -8.13
N GLY B 64 -18.23 -25.36 -7.38
CA GLY B 64 -17.43 -26.46 -7.90
C GLY B 64 -16.30 -26.01 -8.79
N ILE B 65 -15.91 -24.74 -8.67
CA ILE B 65 -14.82 -24.20 -9.48
C ILE B 65 -13.52 -24.15 -8.70
N GLU B 66 -12.46 -24.66 -9.30
CA GLU B 66 -11.16 -24.65 -8.63
C GLU B 66 -10.62 -23.21 -8.53
N VAL B 67 -10.18 -22.82 -7.35
CA VAL B 67 -9.65 -21.49 -7.18
C VAL B 67 -8.13 -21.56 -7.09
N PHE B 68 -7.46 -20.74 -7.91
CA PHE B 68 -6.00 -20.69 -7.91
C PHE B 68 -5.52 -19.41 -7.26
N ASN B 69 -4.27 -19.40 -6.80
CA ASN B 69 -3.71 -18.19 -6.23
C ASN B 69 -3.14 -17.38 -7.36
N ALA B 70 -3.23 -16.07 -7.22
CA ALA B 70 -2.70 -15.19 -8.25
C ALA B 70 -1.21 -15.56 -8.50
N ASN B 71 -0.47 -15.92 -7.44
CA ASN B 71 0.95 -16.25 -7.57
C ASN B 71 1.19 -17.48 -8.45
N ASP B 72 0.14 -18.25 -8.71
CA ASP B 72 0.23 -19.46 -9.53
C ASP B 72 0.21 -19.19 -11.04
N VAL B 73 -0.12 -17.97 -11.44
CA VAL B 73 -0.17 -17.63 -12.85
C VAL B 73 0.71 -16.43 -13.19
N SER B 74 1.11 -16.35 -14.46
CA SER B 74 1.94 -15.25 -14.88
C SER B 74 1.06 -14.27 -15.63
N SER B 75 -0.19 -14.65 -15.87
CA SER B 75 -1.11 -13.81 -16.62
C SER B 75 -2.52 -14.41 -16.65
N LEU B 76 -3.53 -13.57 -16.86
CA LEU B 76 -4.93 -14.04 -16.97
C LEU B 76 -5.48 -13.41 -18.25
N ASP B 77 -6.30 -14.14 -19.01
CA ASP B 77 -6.84 -13.55 -20.22
C ASP B 77 -7.86 -12.46 -19.90
N ILE B 78 -8.77 -12.73 -18.96
CA ILE B 78 -9.77 -11.72 -18.61
C ILE B 78 -9.97 -11.60 -17.10
N TYR B 79 -10.51 -10.46 -16.70
CA TYR B 79 -10.83 -10.21 -15.30
C TYR B 79 -12.21 -9.54 -15.37
N VAL B 80 -13.18 -10.15 -14.72
CA VAL B 80 -14.55 -9.68 -14.73
C VAL B 80 -14.86 -9.11 -13.36
N ASP B 81 -15.24 -7.85 -13.30
CA ASP B 81 -15.51 -7.20 -12.03
C ASP B 81 -16.54 -6.09 -12.20
N GLY B 82 -17.22 -5.73 -11.11
CA GLY B 82 -18.19 -4.65 -11.19
C GLY B 82 -17.53 -3.33 -10.83
N ALA B 83 -18.33 -2.28 -10.64
CA ALA B 83 -17.79 -0.97 -10.28
C ALA B 83 -18.90 -0.16 -9.66
N ASP B 84 -18.55 0.82 -8.82
CA ASP B 84 -19.53 1.69 -8.19
C ASP B 84 -19.89 2.86 -9.11
N GLU B 85 -18.92 3.31 -9.91
CA GLU B 85 -19.15 4.35 -10.92
C GLU B 85 -18.23 4.03 -12.08
N ILE B 86 -18.62 4.40 -13.29
CA ILE B 86 -17.73 4.25 -14.44
C ILE B 86 -18.04 5.39 -15.41
N ASN B 87 -17.00 6.07 -15.88
CA ASN B 87 -17.21 7.20 -16.76
C ASN B 87 -17.10 6.79 -18.24
N PRO B 88 -17.36 7.73 -19.18
CA PRO B 88 -17.28 7.38 -20.60
C PRO B 88 -15.91 6.93 -21.09
N GLN B 89 -14.85 7.21 -20.32
CA GLN B 89 -13.49 6.80 -20.67
C GLN B 89 -13.14 5.46 -20.03
N LYS B 90 -14.15 4.83 -19.43
CA LYS B 90 -14.03 3.54 -18.77
C LYS B 90 -13.18 3.57 -17.51
N MET B 91 -13.04 4.73 -16.92
CA MET B 91 -12.31 4.87 -15.66
C MET B 91 -13.38 4.59 -14.62
N MET B 92 -13.01 3.90 -13.54
CA MET B 92 -13.98 3.52 -12.53
C MET B 92 -13.65 3.96 -11.10
N ILE B 93 -14.67 3.94 -10.26
CA ILE B 93 -14.48 4.15 -8.84
C ILE B 93 -14.95 2.77 -8.30
N LYS B 94 -14.14 2.16 -7.45
CA LYS B 94 -14.49 0.85 -6.88
C LYS B 94 -14.19 0.88 -5.41
N GLY B 95 -14.58 -0.19 -4.71
CA GLY B 95 -14.33 -0.29 -3.27
C GLY B 95 -15.58 -0.24 -2.38
N GLY B 96 -16.77 -0.15 -2.98
CA GLY B 96 -17.97 -0.14 -2.15
C GLY B 96 -18.03 -1.44 -1.36
N GLY B 97 -17.61 -2.50 -2.03
CA GLY B 97 -17.58 -3.83 -1.42
C GLY B 97 -16.32 -4.17 -0.64
N ALA B 98 -15.51 -3.14 -0.36
CA ALA B 98 -14.27 -3.28 0.42
C ALA B 98 -13.19 -4.24 -0.12
N ALA B 99 -13.24 -4.56 -1.41
CA ALA B 99 -12.27 -5.50 -1.99
C ALA B 99 -11.30 -4.83 -2.97
N LEU B 100 -11.21 -3.50 -2.94
CA LEU B 100 -10.38 -2.79 -3.91
C LEU B 100 -8.89 -3.15 -4.03
N THR B 101 -8.24 -3.50 -2.91
CA THR B 101 -6.84 -3.84 -2.94
C THR B 101 -6.59 -5.10 -3.80
N ARG B 102 -7.27 -6.18 -3.50
CA ARG B 102 -7.09 -7.38 -4.28
C ARG B 102 -7.62 -7.26 -5.69
N GLU B 103 -8.67 -6.47 -5.87
CA GLU B 103 -9.23 -6.26 -7.20
C GLU B 103 -8.17 -5.55 -8.08
N LYS B 104 -7.48 -4.58 -7.50
CA LYS B 104 -6.47 -3.89 -8.30
C LYS B 104 -5.29 -4.85 -8.63
N ILE B 105 -5.00 -5.75 -7.70
CA ILE B 105 -3.94 -6.75 -7.89
C ILE B 105 -4.33 -7.74 -9.01
N VAL B 106 -5.53 -8.32 -8.96
CA VAL B 106 -5.91 -9.27 -10.00
C VAL B 106 -6.09 -8.61 -11.36
N ALA B 107 -6.63 -7.41 -11.36
CA ALA B 107 -6.81 -6.68 -12.61
C ALA B 107 -5.45 -6.43 -13.28
N ALA B 108 -4.40 -6.19 -12.49
CA ALA B 108 -3.07 -5.96 -13.07
C ALA B 108 -2.54 -7.22 -13.78
N LEU B 109 -3.13 -8.38 -13.47
CA LEU B 109 -2.70 -9.62 -14.08
C LEU B 109 -3.37 -9.91 -15.40
N ALA B 110 -4.54 -9.32 -15.60
CA ALA B 110 -5.35 -9.57 -16.76
C ALA B 110 -5.14 -8.74 -18.00
N LYS B 111 -5.20 -9.43 -19.12
CA LYS B 111 -5.05 -8.79 -20.40
C LYS B 111 -6.25 -7.91 -20.69
N LYS B 112 -7.43 -8.39 -20.34
CA LYS B 112 -8.66 -7.68 -20.64
C LYS B 112 -9.54 -7.47 -19.40
N PHE B 113 -9.74 -6.21 -19.00
CA PHE B 113 -10.60 -5.93 -17.86
C PHE B 113 -12.05 -5.75 -18.38
N ILE B 114 -12.95 -6.66 -17.97
CA ILE B 114 -14.35 -6.60 -18.40
C ILE B 114 -15.19 -6.11 -17.20
N CYS B 115 -15.71 -4.89 -17.31
CA CYS B 115 -16.50 -4.31 -16.22
C CYS B 115 -17.99 -4.56 -16.49
N ILE B 116 -18.66 -5.22 -15.55
CA ILE B 116 -20.08 -5.53 -15.69
C ILE B 116 -20.86 -4.68 -14.69
N VAL B 117 -21.79 -3.88 -15.20
CA VAL B 117 -22.59 -3.01 -14.34
C VAL B 117 -24.03 -2.92 -14.83
N ASP B 118 -24.90 -2.41 -13.96
CA ASP B 118 -26.27 -2.14 -14.35
C ASP B 118 -26.17 -0.69 -14.84
N SER B 119 -27.17 -0.19 -15.56
CA SER B 119 -27.05 1.16 -16.08
C SER B 119 -26.96 2.29 -15.07
N SER B 120 -27.30 2.05 -13.81
CA SER B 120 -27.20 3.15 -12.85
C SER B 120 -25.74 3.51 -12.53
N LYS B 121 -24.80 2.62 -12.88
CA LYS B 121 -23.38 2.86 -12.57
C LYS B 121 -22.69 3.83 -13.52
N GLN B 122 -23.34 4.19 -14.63
CA GLN B 122 -22.75 5.10 -15.59
C GLN B 122 -22.92 6.54 -15.14
N VAL B 123 -21.80 7.26 -15.01
CA VAL B 123 -21.84 8.66 -14.58
C VAL B 123 -20.87 9.46 -15.43
N ASP B 124 -21.12 10.76 -15.59
CA ASP B 124 -20.19 11.55 -16.37
C ASP B 124 -19.06 12.06 -15.49
N VAL B 125 -19.36 12.26 -14.22
CA VAL B 125 -18.32 12.74 -13.33
C VAL B 125 -18.11 11.80 -12.16
N LEU B 126 -16.91 11.25 -12.05
CA LEU B 126 -16.60 10.34 -10.97
C LEU B 126 -16.61 11.09 -9.64
N GLY B 127 -17.17 10.45 -8.62
CA GLY B 127 -17.23 11.06 -7.31
C GLY B 127 -18.47 11.90 -7.10
N SER B 128 -19.25 12.06 -8.16
CA SER B 128 -20.49 12.83 -8.13
C SER B 128 -21.62 12.08 -7.44
N THR B 129 -21.66 10.75 -7.52
CA THR B 129 -22.75 10.03 -6.86
C THR B 129 -22.26 9.03 -5.82
N PHE B 130 -20.94 8.95 -5.64
CA PHE B 130 -20.41 7.95 -4.76
C PHE B 130 -19.14 8.39 -4.03
N PRO B 131 -19.08 8.23 -2.70
CA PRO B 131 -17.88 8.63 -1.97
C PRO B 131 -16.72 7.69 -2.33
N LEU B 132 -15.53 8.27 -2.50
CA LEU B 132 -14.34 7.49 -2.85
C LEU B 132 -13.81 6.58 -1.76
N PRO B 133 -13.77 5.25 -2.00
CA PRO B 133 -13.24 4.37 -0.94
C PRO B 133 -11.70 4.42 -0.95
N VAL B 134 -11.10 4.50 0.23
CA VAL B 134 -9.64 4.49 0.37
C VAL B 134 -9.26 3.45 1.45
N GLU B 135 -8.44 2.46 1.08
CA GLU B 135 -8.02 1.46 2.08
C GLU B 135 -6.74 1.95 2.75
N VAL B 136 -6.78 1.92 4.08
CA VAL B 136 -5.71 2.48 4.93
C VAL B 136 -5.18 1.54 6.03
N ILE B 137 -3.86 1.57 6.23
CA ILE B 137 -3.23 0.77 7.31
C ILE B 137 -3.91 1.34 8.58
N PRO B 138 -4.46 0.50 9.44
CA PRO B 138 -5.12 1.07 10.62
C PRO B 138 -4.39 2.11 11.45
N MET B 139 -3.08 1.95 11.65
CA MET B 139 -2.41 2.94 12.48
C MET B 139 -2.31 4.27 11.78
N ALA B 140 -2.58 4.35 10.48
CA ALA B 140 -2.49 5.62 9.74
C ALA B 140 -3.84 6.30 9.50
N ARG B 141 -4.91 5.71 10.02
CA ARG B 141 -6.26 6.23 9.83
C ARG B 141 -6.43 7.72 10.03
N SER B 142 -5.98 8.24 11.17
CA SER B 142 -6.18 9.66 11.41
C SER B 142 -5.38 10.52 10.47
N GLN B 143 -4.10 10.21 10.27
CA GLN B 143 -3.32 11.09 9.41
C GLN B 143 -3.79 11.05 7.95
N VAL B 144 -4.28 9.90 7.47
CA VAL B 144 -4.74 9.83 6.07
C VAL B 144 -6.05 10.62 6.00
N GLY B 145 -6.85 10.52 7.06
CA GLY B 145 -8.08 11.28 7.09
C GLY B 145 -7.80 12.77 6.97
N ARG B 146 -6.73 13.25 7.62
CA ARG B 146 -6.40 14.68 7.55
C ARG B 146 -5.92 15.08 6.16
N LYS B 147 -5.18 14.18 5.51
CA LYS B 147 -4.71 14.43 4.14
C LYS B 147 -5.89 14.52 3.18
N LEU B 148 -6.84 13.60 3.30
CA LEU B 148 -8.01 13.62 2.43
C LEU B 148 -8.85 14.90 2.62
N ALA B 149 -8.96 15.39 3.86
CA ALA B 149 -9.69 16.64 4.12
C ALA B 149 -8.96 17.80 3.44
N ALA B 150 -7.64 17.75 3.48
CA ALA B 150 -6.81 18.79 2.88
C ALA B 150 -6.95 18.81 1.36
N LEU B 151 -7.16 17.64 0.76
CA LEU B 151 -7.37 17.57 -0.69
C LEU B 151 -8.78 18.05 -1.01
N GLY B 152 -9.54 18.38 0.02
CA GLY B 152 -10.89 18.89 -0.18
C GLY B 152 -12.05 17.93 0.01
N GLY B 153 -11.78 16.73 0.50
CA GLY B 153 -12.89 15.82 0.72
C GLY B 153 -13.39 15.83 2.16
N SER B 154 -14.38 14.97 2.44
CA SER B 154 -14.96 14.82 3.78
C SER B 154 -14.89 13.31 4.07
N PRO B 155 -13.72 12.85 4.55
CA PRO B 155 -13.52 11.43 4.86
C PRO B 155 -14.31 10.91 6.04
N GLU B 156 -14.88 9.73 5.89
CA GLU B 156 -15.65 9.08 6.97
C GLU B 156 -15.24 7.64 7.11
N TYR B 157 -14.74 7.31 8.30
CA TYR B 157 -14.32 5.95 8.59
C TYR B 157 -15.53 4.98 8.44
N ARG B 158 -15.33 3.90 7.69
CA ARG B 158 -16.41 2.93 7.51
C ARG B 158 -16.43 2.04 8.75
N GLU B 159 -17.34 2.37 9.68
CA GLU B 159 -17.46 1.67 10.97
C GLU B 159 -17.50 0.16 10.95
N GLY B 160 -16.61 -0.43 11.77
CA GLY B 160 -16.54 -1.87 11.93
C GLY B 160 -16.09 -2.73 10.75
N VAL B 161 -15.70 -2.12 9.65
CA VAL B 161 -15.29 -2.92 8.51
C VAL B 161 -13.79 -3.15 8.57
N VAL B 162 -13.39 -4.38 8.27
CA VAL B 162 -11.97 -4.75 8.21
C VAL B 162 -11.87 -5.55 6.92
N THR B 163 -10.96 -5.14 6.03
CA THR B 163 -10.81 -5.82 4.74
C THR B 163 -10.09 -7.16 4.85
N ASP B 164 -10.15 -7.92 3.77
CA ASP B 164 -9.47 -9.22 3.69
C ASP B 164 -8.00 -9.06 4.05
N ASN B 165 -7.46 -7.85 3.91
CA ASN B 165 -6.03 -7.62 4.21
C ASN B 165 -5.76 -7.04 5.57
N GLY B 166 -6.81 -6.95 6.37
CA GLY B 166 -6.69 -6.44 7.72
C GLY B 166 -6.66 -4.95 7.85
N ASN B 167 -7.17 -4.24 6.83
CA ASN B 167 -7.12 -2.79 6.85
C ASN B 167 -8.48 -2.15 7.04
N VAL B 168 -8.49 -0.83 7.26
CA VAL B 168 -9.76 -0.12 7.42
C VAL B 168 -10.01 0.68 6.14
N ILE B 169 -11.22 1.22 6.03
CA ILE B 169 -11.60 2.03 4.86
C ILE B 169 -12.15 3.39 5.26
N LEU B 170 -11.68 4.39 4.53
CA LEU B 170 -12.17 5.74 4.69
C LEU B 170 -12.94 6.02 3.37
N ASP B 171 -14.20 6.47 3.48
CA ASP B 171 -14.96 6.82 2.28
C ASP B 171 -15.02 8.34 2.22
N VAL B 172 -14.54 8.89 1.11
CA VAL B 172 -14.47 10.33 0.96
C VAL B 172 -15.69 10.93 0.29
N HIS B 173 -16.47 11.65 1.08
CA HIS B 173 -17.69 12.30 0.62
C HIS B 173 -17.37 13.69 0.04
N ASN B 174 -18.31 14.25 -0.72
CA ASN B 174 -18.17 15.58 -1.30
C ASN B 174 -16.82 15.73 -1.95
N PHE B 175 -16.53 14.80 -2.84
CA PHE B 175 -15.23 14.78 -3.46
C PHE B 175 -15.40 14.43 -4.93
N SER B 176 -15.63 15.43 -5.77
CA SER B 176 -15.77 15.15 -7.21
C SER B 176 -14.37 15.02 -7.74
N ILE B 177 -14.15 13.96 -8.51
CA ILE B 177 -12.85 13.68 -9.05
C ILE B 177 -12.74 14.19 -10.48
N LEU B 178 -12.28 15.44 -10.63
CA LEU B 178 -12.19 16.05 -11.95
C LEU B 178 -11.03 15.59 -12.85
N ASN B 179 -9.99 15.02 -12.24
CA ASN B 179 -8.84 14.48 -12.98
C ASN B 179 -8.50 13.13 -12.30
N PRO B 180 -9.26 12.07 -12.64
CA PRO B 180 -9.00 10.75 -12.01
C PRO B 180 -7.55 10.24 -12.09
N VAL B 181 -6.91 10.33 -13.25
CA VAL B 181 -5.55 9.83 -13.36
C VAL B 181 -4.62 10.51 -12.37
N GLU B 182 -4.70 11.84 -12.32
CA GLU B 182 -3.85 12.61 -11.43
C GLU B 182 -4.12 12.29 -9.97
N ILE B 183 -5.39 12.23 -9.59
CA ILE B 183 -5.74 11.95 -8.22
C ILE B 183 -5.34 10.53 -7.79
N GLU B 184 -5.46 9.56 -8.70
CA GLU B 184 -5.10 8.19 -8.34
C GLU B 184 -3.62 8.18 -7.97
N LYS B 185 -2.79 8.82 -8.80
CA LYS B 185 -1.36 8.89 -8.52
C LYS B 185 -1.04 9.65 -7.23
N GLU B 186 -1.73 10.75 -7.01
CA GLU B 186 -1.50 11.55 -5.82
C GLU B 186 -1.78 10.74 -4.53
N LEU B 187 -2.90 10.04 -4.51
CA LEU B 187 -3.25 9.21 -3.36
C LEU B 187 -2.29 8.05 -3.13
N ASN B 188 -1.71 7.53 -4.21
CA ASN B 188 -0.77 6.42 -4.11
C ASN B 188 0.54 6.86 -3.46
N ASN B 189 0.76 8.16 -3.34
CA ASN B 189 1.97 8.66 -2.70
C ASN B 189 1.77 8.99 -1.22
N VAL B 190 0.56 8.82 -0.71
CA VAL B 190 0.30 9.14 0.68
C VAL B 190 0.68 7.96 1.60
N ALA B 191 1.55 8.17 2.59
CA ALA B 191 1.92 7.07 3.49
C ALA B 191 0.68 6.60 4.25
N GLY B 192 0.46 5.29 4.27
CA GLY B 192 -0.72 4.80 4.97
C GLY B 192 -1.81 4.33 4.04
N VAL B 193 -1.83 4.84 2.81
CA VAL B 193 -2.83 4.41 1.84
C VAL B 193 -2.36 3.12 1.15
N VAL B 194 -3.17 2.09 1.27
CA VAL B 194 -2.85 0.80 0.66
C VAL B 194 -3.34 0.86 -0.77
N THR B 195 -4.60 1.24 -0.93
CA THR B 195 -5.18 1.33 -2.26
C THR B 195 -6.27 2.39 -2.28
N ASN B 196 -6.37 3.14 -3.37
CA ASN B 196 -7.50 4.08 -3.47
C ASN B 196 -8.43 3.50 -4.58
N GLY B 197 -9.73 3.76 -4.46
CA GLY B 197 -10.71 3.21 -5.38
C GLY B 197 -10.79 3.73 -6.81
N ILE B 198 -9.89 4.62 -7.20
CA ILE B 198 -9.90 5.13 -8.57
C ILE B 198 -9.14 4.14 -9.43
N PHE B 199 -9.81 3.59 -10.44
CA PHE B 199 -9.15 2.67 -11.37
C PHE B 199 -9.08 3.45 -12.68
N ALA B 200 -8.06 4.29 -12.84
CA ALA B 200 -7.91 5.11 -14.03
C ALA B 200 -6.58 4.87 -14.77
N LEU B 201 -5.51 4.54 -14.05
CA LEU B 201 -4.24 4.25 -14.71
C LEU B 201 -4.48 2.99 -15.51
N ARG B 202 -5.28 2.09 -14.94
CA ARG B 202 -5.67 0.87 -15.61
C ARG B 202 -7.20 0.74 -15.44
N GLY B 203 -7.94 1.28 -16.42
CA GLY B 203 -9.40 1.22 -16.46
C GLY B 203 -9.92 -0.05 -17.13
N ALA B 204 -11.21 -0.09 -17.45
CA ALA B 204 -11.82 -1.24 -18.08
C ALA B 204 -11.50 -1.25 -19.57
N ASP B 205 -11.45 -2.45 -20.13
CA ASP B 205 -11.20 -2.60 -21.57
C ASP B 205 -12.53 -2.80 -22.27
N VAL B 206 -13.44 -3.49 -21.60
CA VAL B 206 -14.76 -3.77 -22.13
C VAL B 206 -15.79 -3.40 -21.06
N VAL B 207 -16.90 -2.76 -21.44
CA VAL B 207 -17.92 -2.44 -20.44
C VAL B 207 -19.21 -3.11 -20.88
N ILE B 208 -19.82 -3.89 -19.98
CA ILE B 208 -21.07 -4.54 -20.32
C ILE B 208 -22.11 -3.95 -19.38
N VAL B 209 -23.12 -3.32 -19.96
CA VAL B 209 -24.16 -2.66 -19.18
C VAL B 209 -25.52 -3.36 -19.25
N GLY B 210 -26.04 -3.74 -18.10
CA GLY B 210 -27.36 -4.36 -18.08
C GLY B 210 -28.37 -3.22 -18.17
N THR B 211 -29.28 -3.28 -19.14
CA THR B 211 -30.29 -2.24 -19.31
C THR B 211 -31.65 -2.92 -19.49
N PRO B 212 -32.76 -2.18 -19.28
CA PRO B 212 -34.11 -2.75 -19.44
C PRO B 212 -34.28 -3.32 -20.85
N GLU B 213 -33.42 -2.86 -21.76
CA GLU B 213 -33.46 -3.32 -23.15
C GLU B 213 -32.47 -4.45 -23.42
N GLY B 214 -31.86 -5.00 -22.38
CA GLY B 214 -30.88 -6.07 -22.55
C GLY B 214 -29.47 -5.59 -22.25
N ALA B 215 -28.53 -6.51 -22.19
CA ALA B 215 -27.14 -6.15 -21.91
C ALA B 215 -26.55 -5.51 -23.16
N LYS B 216 -25.81 -4.40 -22.97
CA LYS B 216 -25.18 -3.69 -24.08
C LYS B 216 -23.67 -3.70 -23.87
N VAL B 217 -22.94 -4.15 -24.89
CA VAL B 217 -21.49 -4.21 -24.80
C VAL B 217 -20.79 -3.00 -25.44
N ILE B 218 -19.86 -2.42 -24.68
CA ILE B 218 -19.07 -1.29 -25.14
C ILE B 218 -17.66 -1.85 -25.23
N ASP B 219 -17.34 -2.37 -26.40
CA ASP B 219 -16.03 -2.97 -26.69
C ASP B 219 -15.28 -1.88 -27.45
C1 CIT C . 20.09 -0.39 11.44
O1 CIT C . 20.48 -1.65 11.67
O2 CIT C . 20.08 0.53 12.41
C2 CIT C . 19.64 -0.01 10.01
C3 CIT C . 18.12 -0.38 9.85
O7 CIT C . 17.27 -0.05 10.95
C4 CIT C . 17.66 0.43 8.61
C5 CIT C . 16.24 0.06 8.18
O3 CIT C . 15.56 -1.06 8.40
O4 CIT C . 15.60 1.04 7.48
C6 CIT C . 18.04 -1.92 9.60
O5 CIT C . 17.43 -2.69 10.53
O6 CIT C . 18.55 -2.37 8.44
C1 CIT D . -21.46 -4.11 -7.13
O1 CIT D . -22.28 -4.17 -6.07
O2 CIT D . -21.43 -5.08 -8.07
C2 CIT D . -20.51 -2.86 -7.25
C3 CIT D . -19.24 -3.19 -6.39
O7 CIT D . -18.69 -4.48 -6.60
C4 CIT D . -18.13 -2.15 -6.83
C5 CIT D . -16.86 -2.32 -5.96
O3 CIT D . -16.77 -2.75 -4.71
O4 CIT D . -15.68 -1.99 -6.59
C6 CIT D . -19.61 -3.05 -4.87
O5 CIT D . -19.61 -4.14 -4.12
O6 CIT D . -19.90 -1.82 -4.40
#